data_8Y9R
#
_entry.id   8Y9R
#
_cell.length_a   59.826
_cell.length_b   95.646
_cell.length_c   150.018
_cell.angle_alpha   90.000
_cell.angle_beta   90.000
_cell.angle_gamma   90.000
#
_symmetry.space_group_name_H-M   'P 2 21 21'
#
loop_
_entity.id
_entity.type
_entity.pdbx_description
1 polymer 'Microtubule binding protein'
2 water water
#
_entity_poly.entity_id   1
_entity_poly.type   'polypeptide(L)'
_entity_poly.pdbx_seq_one_letter_code
;GSH(MSE)ASALIELKNRILAVLNKLSDRDTQQLAVEELERIAQSLSPEGIALFLTCLYDTDSQQKSVVRRECIRLVGTL
ASIHGDLLASHLPK(MSE)VANIVKRLKDPDSNIRDACVES(MSE)GVLASSIGGADSGAVTTVFVKPLFEALAEQHKTL
QTGAA(MSE)CLARVLECVKEPHPPTLQRLCPRILK(MSE)LASPNFLAKASLLSAVGV(MSE)VQVPGVVSASQLPVLL
GAVQDELGNSEWAVRKAAAEALSC(MSE)ASAVGNSLVSYRAGVIAALESSRFDKVKPVRDSVTEALQLWKAIYD
;
_entity_poly.pdbx_strand_id   A,B
#
# COMPACT_ATOMS: atom_id res chain seq x y z
N HIS A 3 -23.90 0.48 -4.20
CA HIS A 3 -24.06 -0.81 -3.48
C HIS A 3 -22.69 -1.45 -3.26
N ALA A 5 -19.83 -0.04 -4.52
CA ALA A 5 -18.94 1.10 -4.40
C ALA A 5 -18.88 1.67 -2.98
N SER A 6 -19.99 1.63 -2.24
CA SER A 6 -20.01 2.12 -0.86
C SER A 6 -19.40 1.05 0.05
N ALA A 7 -19.50 -0.22 -0.34
CA ALA A 7 -18.78 -1.28 0.35
C ALA A 7 -17.27 -1.04 0.33
N LEU A 8 -16.74 -0.60 -0.83
CA LEU A 8 -15.32 -0.31 -0.99
C LEU A 8 -14.89 0.85 -0.09
N ILE A 9 -15.73 1.85 0.11
CA ILE A 9 -15.37 2.91 1.00
C ILE A 9 -15.27 2.40 2.44
N GLU A 10 -16.16 1.45 2.78
CA GLU A 10 -16.17 0.85 4.11
C GLU A 10 -15.00 -0.11 4.23
N LEU A 11 -14.60 -0.77 3.13
CA LEU A 11 -13.38 -1.57 3.15
C LEU A 11 -12.18 -0.70 3.44
N LYS A 12 -12.13 0.49 2.79
CA LYS A 12 -10.93 1.29 2.91
C LYS A 12 -10.82 1.63 4.39
N ASN A 13 -11.96 1.99 4.96
CA ASN A 13 -12.02 2.45 6.33
C ASN A 13 -11.41 1.40 7.26
N ARG A 14 -11.71 0.11 7.00
CA ARG A 14 -11.33 -1.01 7.86
C ARG A 14 -9.83 -1.25 7.73
N ILE A 15 -9.34 -1.19 6.49
CA ILE A 15 -7.92 -1.32 6.19
C ILE A 15 -7.13 -0.19 6.87
N LEU A 16 -7.47 1.05 6.61
CA LEU A 16 -6.70 2.15 7.16
C LEU A 16 -6.55 2.00 8.66
N ALA A 17 -7.56 1.36 9.27
CA ALA A 17 -7.70 1.30 10.71
C ALA A 17 -6.63 0.39 11.29
N VAL A 18 -6.28 -0.62 10.48
CA VAL A 18 -5.24 -1.61 10.76
C VAL A 18 -3.84 -1.07 10.42
N LEU A 19 -3.67 -0.46 9.23
CA LEU A 19 -2.41 0.10 8.77
C LEU A 19 -1.84 1.03 9.81
N ASN A 20 -2.66 1.76 10.56
CA ASN A 20 -2.10 2.62 11.60
C ASN A 20 -1.49 1.80 12.75
N LYS A 21 -1.95 0.58 13.00
CA LYS A 21 -1.38 -0.29 14.03
C LYS A 21 0.03 -0.82 13.64
N LEU A 22 0.49 -0.63 12.37
CA LEU A 22 1.83 -0.99 11.92
C LEU A 22 2.89 -0.04 12.47
N SER A 23 2.47 1.20 12.76
CA SER A 23 3.36 2.23 13.30
C SER A 23 3.82 1.86 14.71
N ASP A 24 2.88 1.44 15.56
CA ASP A 24 3.16 1.08 16.95
C ASP A 24 3.76 -0.34 16.92
N ARG A 25 4.82 -0.60 17.68
CA ARG A 25 5.67 -1.75 17.42
C ARG A 25 5.14 -3.01 18.11
N ASP A 26 4.40 -2.81 19.21
CA ASP A 26 3.78 -3.87 19.97
C ASP A 26 2.55 -4.44 19.27
N THR A 27 2.01 -3.69 18.30
CA THR A 27 0.82 -4.05 17.55
C THR A 27 1.14 -4.46 16.12
N GLN A 28 2.43 -4.47 15.77
CA GLN A 28 2.86 -4.55 14.38
C GLN A 28 2.48 -5.90 13.82
N GLN A 29 2.77 -6.97 14.54
CA GLN A 29 2.40 -8.29 14.05
C GLN A 29 0.91 -8.57 14.17
N LEU A 30 0.22 -8.06 15.22
CA LEU A 30 -1.24 -8.16 15.23
C LEU A 30 -1.74 -7.61 13.90
N ALA A 31 -1.15 -6.47 13.50
CA ALA A 31 -1.62 -5.69 12.38
C ALA A 31 -1.41 -6.40 11.04
N VAL A 32 -0.25 -7.05 10.86
CA VAL A 32 -0.02 -7.77 9.63
C VAL A 32 -0.97 -8.96 9.60
N GLU A 33 -1.12 -9.65 10.74
CA GLU A 33 -1.97 -10.82 10.77
C GLU A 33 -3.38 -10.39 10.34
N GLU A 34 -3.85 -9.23 10.86
CA GLU A 34 -5.18 -8.74 10.56
C GLU A 34 -5.29 -8.50 9.05
N LEU A 35 -4.22 -7.93 8.50
CA LEU A 35 -4.21 -7.47 7.13
C LEU A 35 -4.20 -8.66 6.18
N GLU A 36 -3.44 -9.72 6.54
CA GLU A 36 -3.41 -10.97 5.78
C GLU A 36 -4.79 -11.66 5.84
N ARG A 37 -5.48 -11.54 6.98
CA ARG A 37 -6.83 -12.11 7.07
C ARG A 37 -7.76 -11.31 6.16
N ILE A 38 -7.62 -9.97 6.17
CA ILE A 38 -8.47 -9.13 5.32
C ILE A 38 -8.25 -9.49 3.85
N ALA A 39 -7.02 -9.90 3.51
CA ALA A 39 -6.62 -10.12 2.14
C ALA A 39 -7.12 -11.48 1.64
N GLN A 40 -7.39 -12.41 2.58
CA GLN A 40 -7.76 -13.77 2.19
C GLN A 40 -9.17 -13.82 1.60
N SER A 41 -10.09 -13.01 2.14
CA SER A 41 -11.43 -12.93 1.62
C SER A 41 -11.60 -11.60 0.94
N LEU A 42 -11.59 -11.57 -0.39
CA LEU A 42 -11.52 -10.28 -1.04
C LEU A 42 -11.94 -10.45 -2.50
N SER A 43 -12.79 -9.55 -2.97
CA SER A 43 -13.22 -9.59 -4.35
C SER A 43 -12.08 -9.11 -5.24
N PRO A 44 -12.14 -9.34 -6.55
CA PRO A 44 -11.37 -8.55 -7.51
C PRO A 44 -11.22 -7.07 -7.12
N GLU A 45 -12.35 -6.42 -6.79
CA GLU A 45 -12.33 -4.99 -6.59
C GLU A 45 -11.70 -4.68 -5.23
N GLY A 46 -11.90 -5.58 -4.27
CA GLY A 46 -11.30 -5.46 -2.94
C GLY A 46 -9.78 -5.52 -3.02
N ILE A 47 -9.27 -6.45 -3.85
CA ILE A 47 -7.86 -6.56 -4.17
C ILE A 47 -7.36 -5.20 -4.64
N ALA A 48 -7.92 -4.72 -5.75
CA ALA A 48 -7.48 -3.47 -6.33
C ALA A 48 -7.48 -2.37 -5.27
N LEU A 49 -8.48 -2.35 -4.37
CA LEU A 49 -8.55 -1.29 -3.37
C LEU A 49 -7.38 -1.43 -2.40
N PHE A 50 -7.21 -2.67 -1.90
CA PHE A 50 -6.15 -3.06 -0.97
C PHE A 50 -4.78 -2.63 -1.55
N LEU A 51 -4.52 -2.94 -2.83
CA LEU A 51 -3.25 -2.58 -3.46
C LEU A 51 -3.07 -1.07 -3.41
N THR A 52 -4.01 -0.35 -4.01
CA THR A 52 -4.09 1.09 -3.83
C THR A 52 -3.57 1.48 -2.46
N CYS A 53 -4.14 0.92 -1.40
CA CYS A 53 -3.82 1.45 -0.08
C CYS A 53 -2.36 1.25 0.24
N LEU A 54 -1.81 0.11 -0.23
CA LEU A 54 -0.42 -0.25 -0.05
C LEU A 54 0.49 0.70 -0.82
N TYR A 55 0.22 0.92 -2.14
CA TYR A 55 0.92 1.90 -2.96
C TYR A 55 1.00 3.30 -2.31
N ASP A 56 -0.08 3.86 -1.71
CA ASP A 56 -0.03 5.19 -1.07
C ASP A 56 0.83 5.12 0.19
N THR A 57 0.50 4.22 1.12
CA THR A 57 1.18 4.15 2.41
C THR A 57 2.65 3.79 2.15
N ASP A 58 2.94 3.16 0.99
CA ASP A 58 4.32 3.00 0.51
C ASP A 58 5.07 4.33 0.68
N SER A 59 4.43 5.50 0.44
CA SER A 59 5.17 6.72 0.08
C SER A 59 5.78 7.46 1.28
N GLN A 60 7.03 7.07 1.64
CA GLN A 60 8.12 7.94 2.10
C GLN A 60 7.86 8.59 3.47
N GLN A 61 7.25 7.88 4.44
CA GLN A 61 6.94 8.56 5.69
C GLN A 61 7.42 7.79 6.92
N LYS A 62 7.33 6.44 6.99
CA LYS A 62 7.99 5.71 8.08
C LYS A 62 8.39 4.32 7.62
N SER A 63 9.45 3.79 8.25
CA SER A 63 10.27 2.73 7.68
C SER A 63 9.64 1.34 7.85
N VAL A 64 9.29 1.02 9.10
CA VAL A 64 8.59 -0.20 9.45
C VAL A 64 7.29 -0.32 8.66
N VAL A 65 6.66 0.82 8.38
CA VAL A 65 5.37 0.83 7.71
C VAL A 65 5.51 0.44 6.25
N ARG A 66 6.47 1.03 5.55
CA ARG A 66 6.58 0.77 4.13
C ARG A 66 7.30 -0.55 3.93
N ARG A 67 8.13 -0.95 4.91
CA ARG A 67 8.68 -2.30 4.98
C ARG A 67 7.53 -3.31 4.89
N GLU A 68 6.49 -3.13 5.74
CA GLU A 68 5.38 -4.07 5.85
C GLU A 68 4.38 -3.96 4.68
N CYS A 69 4.23 -2.77 4.11
CA CYS A 69 3.38 -2.64 2.95
C CYS A 69 4.04 -3.32 1.76
N ILE A 70 5.37 -3.30 1.71
CA ILE A 70 5.99 -3.98 0.59
C ILE A 70 5.78 -5.48 0.77
N ARG A 71 5.98 -6.00 1.99
CA ARG A 71 5.76 -7.42 2.24
C ARG A 71 4.33 -7.80 1.76
N LEU A 72 3.31 -6.98 2.05
CA LEU A 72 1.92 -7.36 1.80
C LEU A 72 1.54 -7.36 0.32
N VAL A 73 2.29 -6.61 -0.50
CA VAL A 73 2.16 -6.67 -1.94
C VAL A 73 2.51 -8.09 -2.34
N GLY A 74 3.55 -8.60 -1.64
CA GLY A 74 4.00 -9.96 -1.83
C GLY A 74 2.93 -10.95 -1.37
N THR A 75 2.48 -10.73 -0.13
CA THR A 75 1.54 -11.64 0.50
C THR A 75 0.26 -11.77 -0.34
N LEU A 76 -0.17 -10.67 -0.97
CA LEU A 76 -1.34 -10.69 -1.84
C LEU A 76 -1.14 -11.67 -2.98
N ALA A 77 0.01 -11.55 -3.65
CA ALA A 77 0.33 -12.35 -4.82
C ALA A 77 0.24 -13.82 -4.46
N SER A 78 0.71 -14.17 -3.26
CA SER A 78 0.84 -15.58 -2.92
C SER A 78 -0.51 -16.16 -2.49
N ILE A 79 -1.45 -15.28 -2.10
CA ILE A 79 -2.80 -15.72 -1.77
C ILE A 79 -3.63 -15.88 -3.04
N HIS A 80 -3.49 -15.01 -4.05
CA HIS A 80 -4.39 -15.06 -5.20
C HIS A 80 -3.77 -15.52 -6.53
N GLY A 81 -2.45 -15.57 -6.69
CA GLY A 81 -1.87 -16.09 -7.93
C GLY A 81 -2.33 -15.30 -9.15
N ASP A 82 -2.78 -16.01 -10.18
CA ASP A 82 -3.14 -15.43 -11.47
C ASP A 82 -4.27 -14.41 -11.36
N LEU A 83 -5.26 -14.61 -10.47
CA LEU A 83 -6.44 -13.74 -10.38
C LEU A 83 -6.00 -12.30 -10.08
N LEU A 84 -4.69 -12.07 -9.98
CA LEU A 84 -4.09 -10.84 -9.51
C LEU A 84 -3.13 -10.31 -10.57
N ALA A 85 -3.27 -10.84 -11.79
CA ALA A 85 -2.20 -10.86 -12.77
C ALA A 85 -2.11 -9.55 -13.51
N SER A 86 -3.27 -8.99 -13.86
CA SER A 86 -3.28 -7.77 -14.63
C SER A 86 -2.77 -6.59 -13.79
N HIS A 87 -2.66 -6.75 -12.46
CA HIS A 87 -2.13 -5.68 -11.61
C HIS A 87 -0.62 -5.75 -11.52
N LEU A 88 -0.04 -6.86 -11.99
CA LEU A 88 1.38 -7.12 -11.83
C LEU A 88 2.23 -5.88 -12.17
N PRO A 89 2.12 -5.26 -13.36
CA PRO A 89 2.87 -4.03 -13.64
C PRO A 89 2.80 -2.89 -12.60
N LYS A 90 1.60 -2.58 -12.08
CA LYS A 90 1.50 -1.53 -11.08
C LYS A 90 2.29 -2.00 -9.84
N VAL A 92 4.88 -4.24 -9.58
CA VAL A 92 6.31 -4.19 -9.86
C VAL A 92 6.83 -2.76 -9.82
N ALA A 93 6.19 -1.89 -10.60
CA ALA A 93 6.42 -0.46 -10.53
C ALA A 93 6.50 0.06 -9.10
N ASN A 94 5.61 -0.40 -8.21
CA ASN A 94 5.57 0.16 -6.86
C ASN A 94 6.66 -0.40 -5.96
N ILE A 95 7.17 -1.60 -6.27
CA ILE A 95 8.27 -2.13 -5.48
C ILE A 95 9.59 -1.52 -5.97
N VAL A 96 9.73 -1.35 -7.30
CA VAL A 96 10.97 -0.82 -7.85
C VAL A 96 11.18 0.61 -7.33
N LYS A 97 10.13 1.43 -7.31
CA LYS A 97 10.09 2.77 -6.71
C LYS A 97 10.82 2.78 -5.36
N ARG A 98 10.68 1.73 -4.53
CA ARG A 98 11.26 1.74 -3.19
C ARG A 98 12.71 1.27 -3.22
N LEU A 99 13.21 0.79 -4.37
CA LEU A 99 14.59 0.34 -4.49
C LEU A 99 15.56 1.49 -4.18
N LYS A 100 15.05 2.74 -4.33
CA LYS A 100 15.81 3.96 -4.22
C LYS A 100 16.19 4.24 -2.77
N ASP A 101 15.45 3.71 -1.79
CA ASP A 101 15.69 4.11 -0.41
C ASP A 101 17.02 3.52 0.01
N PRO A 102 17.93 4.28 0.65
CA PRO A 102 19.19 3.70 1.06
C PRO A 102 19.06 2.98 2.39
N ASP A 103 17.99 2.17 2.53
CA ASP A 103 17.66 1.45 3.74
C ASP A 103 17.60 -0.04 3.39
N SER A 104 18.48 -0.86 3.97
CA SER A 104 18.61 -2.27 3.57
C SER A 104 17.43 -3.13 4.05
N ASN A 105 16.69 -2.62 5.04
CA ASN A 105 15.45 -3.25 5.42
C ASN A 105 14.47 -3.11 4.25
N ILE A 106 14.38 -1.91 3.66
CA ILE A 106 13.46 -1.75 2.55
C ILE A 106 13.91 -2.61 1.37
N ARG A 107 15.23 -2.60 1.13
CA ARG A 107 15.81 -3.32 0.01
C ARG A 107 15.45 -4.81 0.13
N ASP A 108 15.59 -5.33 1.36
CA ASP A 108 15.37 -6.75 1.62
C ASP A 108 13.90 -7.13 1.37
N ALA A 109 13.01 -6.33 1.96
CA ALA A 109 11.59 -6.39 1.66
C ALA A 109 11.34 -6.40 0.16
N CYS A 110 12.02 -5.53 -0.62
CA CYS A 110 11.69 -5.35 -2.04
C CYS A 110 12.09 -6.61 -2.80
N VAL A 111 13.32 -7.08 -2.52
CA VAL A 111 13.81 -8.30 -3.15
C VAL A 111 12.85 -9.45 -2.81
N GLU A 112 12.48 -9.59 -1.53
CA GLU A 112 11.72 -10.75 -1.07
C GLU A 112 10.37 -10.83 -1.80
N SER A 113 9.63 -9.73 -1.75
CA SER A 113 8.38 -9.55 -2.48
C SER A 113 8.50 -9.88 -3.95
N GLY A 115 10.54 -11.92 -5.37
CA GLY A 115 10.57 -13.37 -5.42
C GLY A 115 9.16 -13.94 -5.39
N VAL A 116 8.42 -13.50 -4.38
CA VAL A 116 7.09 -14.02 -4.14
C VAL A 116 6.22 -13.75 -5.37
N LEU A 117 6.24 -12.51 -5.87
CA LEU A 117 5.51 -12.19 -7.09
C LEU A 117 5.88 -13.19 -8.18
N ALA A 118 7.17 -13.35 -8.40
CA ALA A 118 7.65 -14.10 -9.55
C ALA A 118 7.21 -15.56 -9.46
N SER A 119 7.20 -16.09 -8.23
CA SER A 119 6.85 -17.48 -8.07
C SER A 119 5.33 -17.66 -8.10
N SER A 120 4.59 -16.65 -7.63
CA SER A 120 3.17 -16.81 -7.34
C SER A 120 2.29 -16.47 -8.54
N ILE A 121 2.70 -15.48 -9.34
CA ILE A 121 1.86 -14.95 -10.38
C ILE A 121 2.39 -15.40 -11.73
N GLY A 122 1.55 -16.16 -12.46
CA GLY A 122 1.70 -16.42 -13.88
C GLY A 122 3.07 -16.98 -14.23
N SER A 126 2.51 -18.62 -20.58
CA SER A 126 3.99 -18.53 -20.54
C SER A 126 4.42 -17.08 -20.81
N GLY A 127 5.71 -16.90 -21.14
CA GLY A 127 6.11 -15.86 -22.06
C GLY A 127 6.45 -14.51 -21.42
N ALA A 128 5.87 -13.45 -22.00
CA ALA A 128 6.21 -12.07 -21.66
C ALA A 128 5.48 -11.61 -20.39
N VAL A 129 5.15 -12.56 -19.52
CA VAL A 129 5.02 -12.29 -18.10
C VAL A 129 6.40 -11.94 -17.53
N THR A 130 7.47 -12.60 -18.03
CA THR A 130 8.78 -12.41 -17.45
C THR A 130 9.28 -11.03 -17.89
N THR A 131 8.70 -10.51 -18.98
CA THR A 131 9.04 -9.19 -19.50
C THR A 131 8.64 -8.07 -18.53
N VAL A 132 7.50 -8.28 -17.84
CA VAL A 132 6.85 -7.27 -17.04
C VAL A 132 7.61 -7.09 -15.73
N PHE A 133 8.43 -8.10 -15.39
CA PHE A 133 9.27 -8.08 -14.22
C PHE A 133 10.65 -7.51 -14.55
N VAL A 134 11.16 -7.83 -15.75
CA VAL A 134 12.56 -7.51 -16.03
C VAL A 134 12.71 -6.09 -16.60
N LYS A 135 11.87 -5.69 -17.58
CA LYS A 135 11.97 -4.35 -18.16
C LYS A 135 12.15 -3.27 -17.04
N PRO A 136 11.25 -3.17 -16.05
CA PRO A 136 11.42 -2.18 -14.99
C PRO A 136 12.77 -2.24 -14.29
N LEU A 137 13.35 -3.46 -14.16
CA LEU A 137 14.61 -3.59 -13.44
C LEU A 137 15.77 -3.07 -14.30
N PHE A 138 15.67 -3.32 -15.61
CA PHE A 138 16.69 -2.81 -16.52
C PHE A 138 16.62 -1.29 -16.53
N GLU A 139 15.40 -0.74 -16.69
CA GLU A 139 15.25 0.71 -16.65
C GLU A 139 15.86 1.25 -15.37
N ALA A 140 15.71 0.50 -14.27
CA ALA A 140 16.26 0.89 -12.99
C ALA A 140 17.78 0.83 -13.04
N LEU A 141 18.34 -0.25 -13.63
CA LEU A 141 19.79 -0.40 -13.73
C LEU A 141 20.39 0.65 -14.66
N ALA A 142 19.63 1.09 -15.69
CA ALA A 142 20.07 2.20 -16.53
C ALA A 142 20.15 3.51 -15.73
N GLU A 143 19.22 3.80 -14.81
CA GLU A 143 19.31 5.05 -14.07
C GLU A 143 20.65 5.11 -13.33
N GLN A 144 21.15 6.31 -13.09
CA GLN A 144 22.47 6.51 -12.55
C GLN A 144 22.39 6.69 -11.04
N HIS A 145 21.66 5.84 -10.30
CA HIS A 145 21.91 5.81 -8.86
C HIS A 145 22.47 4.46 -8.41
N LYS A 146 23.34 4.51 -7.39
CA LYS A 146 24.02 3.32 -6.90
C LYS A 146 23.03 2.46 -6.13
N THR A 147 22.38 3.11 -5.14
CA THR A 147 21.45 2.44 -4.25
C THR A 147 20.43 1.72 -5.09
N LEU A 148 19.95 2.40 -6.13
CA LEU A 148 18.94 1.82 -7.01
C LEU A 148 19.54 0.67 -7.81
N GLN A 149 20.72 0.84 -8.45
CA GLN A 149 21.16 -0.20 -9.38
C GLN A 149 21.73 -1.39 -8.58
N THR A 150 22.33 -1.16 -7.38
CA THR A 150 22.67 -2.31 -6.53
C THR A 150 21.42 -3.15 -6.22
N GLY A 151 20.27 -2.51 -5.99
CA GLY A 151 19.06 -3.20 -5.54
C GLY A 151 18.31 -3.85 -6.68
N ALA A 152 18.30 -3.18 -7.83
CA ALA A 152 17.67 -3.73 -9.03
C ALA A 152 18.44 -4.96 -9.48
N ALA A 153 19.72 -5.01 -9.13
CA ALA A 153 20.57 -6.14 -9.49
C ALA A 153 20.16 -7.37 -8.67
N CYS A 155 17.25 -7.73 -7.15
CA CYS A 155 15.92 -8.16 -7.59
C CYS A 155 16.00 -9.01 -8.87
N LEU A 156 16.80 -8.55 -9.82
CA LEU A 156 16.91 -9.27 -11.07
C LEU A 156 17.29 -10.74 -10.82
N ALA A 157 18.21 -10.97 -9.87
CA ALA A 157 18.63 -12.32 -9.51
C ALA A 157 17.46 -13.10 -8.89
N ARG A 158 16.92 -12.55 -7.78
CA ARG A 158 15.79 -13.16 -7.09
C ARG A 158 14.66 -13.48 -8.05
N VAL A 159 14.34 -12.57 -8.97
CA VAL A 159 13.29 -12.81 -9.97
C VAL A 159 13.60 -14.03 -10.86
N LEU A 160 14.82 -14.19 -11.38
CA LEU A 160 15.08 -15.22 -12.39
C LEU A 160 15.10 -16.62 -11.77
N GLU A 161 15.56 -16.68 -10.52
CA GLU A 161 15.60 -17.94 -9.79
C GLU A 161 14.23 -18.26 -9.22
N CYS A 162 13.23 -17.35 -9.32
CA CYS A 162 11.93 -17.67 -8.74
C CYS A 162 10.86 -17.81 -9.82
N VAL A 163 11.04 -17.11 -10.92
CA VAL A 163 10.04 -17.09 -11.96
C VAL A 163 9.64 -18.53 -12.28
N LYS A 164 8.33 -18.75 -12.41
CA LYS A 164 7.83 -20.10 -12.56
C LYS A 164 7.98 -20.55 -14.02
N GLU A 165 7.73 -19.67 -15.01
CA GLU A 165 7.75 -20.10 -16.40
C GLU A 165 8.68 -19.19 -17.21
N PRO A 166 10.02 -19.40 -17.10
CA PRO A 166 11.00 -18.49 -17.70
C PRO A 166 11.15 -18.66 -19.22
N HIS A 167 10.45 -17.82 -20.00
CA HIS A 167 10.64 -17.80 -21.44
C HIS A 167 12.12 -17.54 -21.69
N PRO A 168 12.90 -18.56 -22.13
CA PRO A 168 14.33 -18.36 -22.42
C PRO A 168 14.62 -17.32 -23.52
N PRO A 169 13.87 -17.30 -24.67
CA PRO A 169 14.06 -16.26 -25.70
C PRO A 169 14.15 -14.85 -25.12
N THR A 170 13.15 -14.48 -24.30
CA THR A 170 13.09 -13.11 -23.80
C THR A 170 14.23 -12.88 -22.80
N LEU A 171 14.52 -13.93 -22.00
CA LEU A 171 15.60 -13.92 -21.01
C LEU A 171 16.99 -13.93 -21.67
N GLN A 172 17.10 -14.48 -22.89
CA GLN A 172 18.39 -14.60 -23.54
C GLN A 172 18.75 -13.32 -24.31
N ARG A 173 17.79 -12.39 -24.47
CA ARG A 173 18.09 -11.10 -25.08
C ARG A 173 18.69 -10.16 -24.04
N LEU A 174 18.91 -10.67 -22.80
CA LEU A 174 19.37 -9.90 -21.65
C LEU A 174 20.90 -9.81 -21.56
N CYS A 175 21.58 -10.89 -21.92
CA CYS A 175 23.03 -11.00 -21.73
C CYS A 175 23.77 -9.84 -22.43
N PRO A 176 23.45 -9.46 -23.70
CA PRO A 176 23.96 -8.24 -24.30
C PRO A 176 24.03 -7.01 -23.41
N ARG A 177 22.99 -6.76 -22.61
CA ARG A 177 22.90 -5.52 -21.85
C ARG A 177 23.74 -5.62 -20.58
N ILE A 178 23.87 -6.85 -20.03
CA ILE A 178 24.72 -7.14 -18.87
C ILE A 178 26.19 -6.92 -19.23
N LEU A 179 26.59 -7.44 -20.40
CA LEU A 179 27.94 -7.23 -20.91
C LEU A 179 28.22 -5.73 -20.97
N LYS A 180 27.32 -5.00 -21.66
CA LYS A 180 27.41 -3.55 -21.78
C LYS A 180 27.56 -2.91 -20.40
N LEU A 182 28.80 -4.14 -17.68
CA LEU A 182 30.08 -4.56 -17.11
C LEU A 182 31.25 -3.83 -17.75
N ALA A 183 31.18 -3.71 -19.10
CA ALA A 183 32.08 -2.86 -19.88
C ALA A 183 32.09 -1.40 -19.41
N SER A 184 30.94 -0.71 -19.35
CA SER A 184 30.92 0.70 -18.98
C SER A 184 31.70 0.94 -17.67
N PRO A 185 32.46 2.04 -17.54
CA PRO A 185 33.05 2.45 -16.27
C PRO A 185 32.33 3.60 -15.58
N ASN A 186 31.02 3.75 -15.88
CA ASN A 186 30.14 4.60 -15.10
C ASN A 186 29.05 3.77 -14.44
N PHE A 187 29.14 2.44 -14.59
CA PHE A 187 28.24 1.54 -13.89
C PHE A 187 28.72 1.41 -12.44
N LEU A 188 27.83 1.72 -11.48
CA LEU A 188 28.22 1.97 -10.09
C LEU A 188 28.00 0.76 -9.19
N ALA A 189 27.57 -0.37 -9.78
CA ALA A 189 27.08 -1.51 -9.01
C ALA A 189 27.66 -2.83 -9.50
N LYS A 190 28.93 -2.83 -9.89
CA LYS A 190 29.45 -3.97 -10.64
C LYS A 190 29.47 -5.18 -9.73
N ALA A 191 29.74 -4.91 -8.44
CA ALA A 191 29.92 -6.00 -7.49
C ALA A 191 28.61 -6.77 -7.40
N SER A 192 27.49 -6.06 -7.40
CA SER A 192 26.20 -6.70 -7.21
C SER A 192 25.74 -7.36 -8.51
N LEU A 193 25.99 -6.66 -9.62
CA LEU A 193 25.66 -7.19 -10.92
C LEU A 193 26.45 -8.48 -11.17
N LEU A 194 27.64 -8.61 -10.55
CA LEU A 194 28.46 -9.81 -10.74
C LEU A 194 27.81 -11.01 -10.06
N SER A 195 27.53 -10.88 -8.75
CA SER A 195 26.63 -11.74 -7.98
C SER A 195 25.46 -12.27 -8.79
N ALA A 196 24.70 -11.37 -9.43
CA ALA A 196 23.53 -11.72 -10.24
C ALA A 196 23.88 -12.66 -11.39
N VAL A 197 25.07 -12.46 -11.99
CA VAL A 197 25.56 -13.31 -13.06
C VAL A 197 25.83 -14.69 -12.51
N GLY A 198 26.35 -14.71 -11.27
CA GLY A 198 26.60 -15.93 -10.52
C GLY A 198 25.34 -16.78 -10.34
N VAL A 199 24.22 -16.10 -10.04
CA VAL A 199 22.91 -16.72 -9.99
C VAL A 199 22.41 -17.13 -11.39
N VAL A 201 23.70 -18.01 -14.13
CA VAL A 201 24.28 -19.13 -14.86
C VAL A 201 23.82 -20.45 -14.22
N GLN A 202 23.42 -20.36 -12.94
CA GLN A 202 22.84 -21.48 -12.20
C GLN A 202 21.37 -21.74 -12.56
N VAL A 203 20.75 -20.84 -13.31
CA VAL A 203 19.33 -20.98 -13.57
C VAL A 203 19.14 -21.54 -14.98
N PRO A 204 18.66 -22.81 -15.12
CA PRO A 204 18.47 -23.39 -16.45
C PRO A 204 17.74 -22.42 -17.37
N GLY A 205 18.26 -22.20 -18.59
CA GLY A 205 17.53 -21.50 -19.63
C GLY A 205 17.78 -20.00 -19.70
N VAL A 206 18.49 -19.41 -18.75
CA VAL A 206 18.72 -17.97 -18.77
C VAL A 206 19.88 -17.53 -19.69
N VAL A 207 20.97 -18.31 -19.71
CA VAL A 207 22.15 -18.01 -20.49
C VAL A 207 22.38 -19.13 -21.51
N SER A 208 22.27 -18.81 -22.81
CA SER A 208 22.50 -19.83 -23.84
C SER A 208 23.95 -20.29 -23.71
N ALA A 209 24.30 -21.53 -24.04
CA ALA A 209 25.70 -21.99 -23.90
C ALA A 209 26.69 -21.16 -24.74
N SER A 210 26.25 -20.68 -25.91
CA SER A 210 27.06 -19.81 -26.75
C SER A 210 27.38 -18.44 -26.11
N GLN A 211 26.57 -17.95 -25.17
CA GLN A 211 26.86 -16.68 -24.50
C GLN A 211 27.72 -16.89 -23.24
N LEU A 212 27.87 -18.14 -22.75
CA LEU A 212 28.61 -18.39 -21.52
C LEU A 212 30.06 -17.92 -21.69
N PRO A 213 30.76 -18.26 -22.80
CA PRO A 213 32.16 -17.95 -22.92
C PRO A 213 32.36 -16.45 -22.96
N VAL A 214 31.50 -15.73 -23.69
CA VAL A 214 31.62 -14.27 -23.77
C VAL A 214 31.51 -13.66 -22.36
N LEU A 215 30.59 -14.21 -21.60
CA LEU A 215 30.29 -13.73 -20.28
C LEU A 215 31.39 -14.08 -19.29
N LEU A 216 32.05 -15.24 -19.47
CA LEU A 216 33.25 -15.62 -18.72
C LEU A 216 34.38 -14.59 -18.89
N GLY A 217 34.57 -14.13 -20.14
CA GLY A 217 35.51 -13.07 -20.43
C GLY A 217 35.22 -11.82 -19.60
N ALA A 218 33.95 -11.41 -19.69
CA ALA A 218 33.48 -10.21 -19.02
C ALA A 218 33.75 -10.33 -17.52
N VAL A 219 33.50 -11.51 -16.97
CA VAL A 219 33.62 -11.72 -15.54
C VAL A 219 35.09 -11.72 -15.17
N GLN A 220 35.91 -12.42 -15.96
CA GLN A 220 37.34 -12.59 -15.68
C GLN A 220 38.06 -11.25 -15.76
N ASP A 221 37.62 -10.37 -16.69
CA ASP A 221 38.17 -9.03 -16.78
C ASP A 221 37.96 -8.22 -15.49
N GLU A 222 36.96 -8.52 -14.66
CA GLU A 222 36.73 -7.69 -13.50
C GLU A 222 37.68 -8.11 -12.39
N LEU A 223 38.55 -9.10 -12.64
CA LEU A 223 39.62 -9.38 -11.70
C LEU A 223 40.67 -8.27 -11.72
N GLY A 224 40.57 -7.37 -12.70
CA GLY A 224 41.47 -6.25 -12.85
C GLY A 224 40.87 -4.92 -12.39
N ASN A 225 39.72 -4.98 -11.71
CA ASN A 225 39.05 -3.76 -11.27
C ASN A 225 39.74 -3.23 -10.04
N SER A 226 39.64 -1.93 -9.77
CA SER A 226 40.41 -1.42 -8.65
C SER A 226 39.56 -1.26 -7.40
N GLU A 227 38.25 -1.38 -7.56
CA GLU A 227 37.41 -1.67 -6.41
C GLU A 227 37.61 -3.15 -6.02
N TRP A 228 38.19 -3.39 -4.83
CA TRP A 228 38.55 -4.73 -4.44
C TRP A 228 37.33 -5.61 -4.25
N ALA A 229 36.24 -5.00 -3.78
CA ALA A 229 34.96 -5.68 -3.72
C ALA A 229 34.47 -6.10 -5.11
N VAL A 230 34.85 -5.42 -6.19
CA VAL A 230 34.40 -5.89 -7.50
C VAL A 230 35.25 -7.07 -7.94
N ARG A 231 36.51 -7.12 -7.51
CA ARG A 231 37.41 -8.22 -7.81
C ARG A 231 36.97 -9.46 -7.03
N LYS A 232 36.83 -9.32 -5.71
CA LYS A 232 36.19 -10.36 -4.94
C LYS A 232 34.95 -10.88 -5.67
N ALA A 233 33.93 -10.06 -5.96
CA ALA A 233 32.74 -10.55 -6.66
C ALA A 233 33.09 -11.31 -7.95
N ALA A 234 34.12 -10.86 -8.65
CA ALA A 234 34.49 -11.49 -9.89
C ALA A 234 34.96 -12.92 -9.66
N ALA A 235 35.82 -13.11 -8.64
CA ALA A 235 36.25 -14.45 -8.28
C ALA A 235 35.03 -15.30 -7.99
N GLU A 236 34.19 -14.86 -7.03
CA GLU A 236 32.97 -15.57 -6.68
C GLU A 236 32.17 -15.99 -7.92
N ALA A 237 31.91 -15.07 -8.85
CA ALA A 237 31.11 -15.41 -10.03
C ALA A 237 31.81 -16.52 -10.83
N LEU A 238 33.15 -16.48 -10.85
CA LEU A 238 33.91 -17.53 -11.51
C LEU A 238 33.70 -18.88 -10.81
N SER A 239 33.84 -18.96 -9.48
CA SER A 239 33.43 -20.16 -8.73
C SER A 239 32.04 -20.63 -9.17
N CYS A 240 31.02 -19.77 -9.18
CA CYS A 240 29.68 -20.18 -9.60
C CYS A 240 29.70 -20.81 -10.99
N ALA A 242 31.97 -22.37 -12.33
CA ALA A 242 32.71 -23.61 -12.27
C ALA A 242 31.74 -24.71 -11.88
N SER A 243 31.15 -24.63 -10.68
CA SER A 243 30.34 -25.76 -10.22
C SER A 243 29.06 -25.90 -11.03
N ALA A 244 28.60 -24.78 -11.60
CA ALA A 244 27.37 -24.80 -12.36
C ALA A 244 27.62 -25.34 -13.76
N VAL A 245 28.52 -24.69 -14.51
CA VAL A 245 28.67 -24.94 -15.94
C VAL A 245 30.12 -25.29 -16.31
N GLY A 246 30.91 -25.69 -15.31
CA GLY A 246 32.32 -26.01 -15.53
C GLY A 246 32.58 -26.77 -16.82
N ASN A 247 31.89 -27.89 -17.00
CA ASN A 247 32.15 -28.84 -18.07
C ASN A 247 31.74 -28.22 -19.41
N SER A 248 30.82 -27.26 -19.40
CA SER A 248 30.46 -26.54 -20.62
C SER A 248 31.60 -25.66 -21.07
N LEU A 249 32.58 -25.43 -20.18
CA LEU A 249 33.55 -24.37 -20.39
C LEU A 249 34.95 -24.97 -20.28
N VAL A 250 35.14 -26.20 -20.75
CA VAL A 250 36.37 -26.87 -20.41
C VAL A 250 37.49 -26.28 -21.25
N SER A 251 37.18 -25.90 -22.50
CA SER A 251 38.16 -25.28 -23.37
C SER A 251 38.76 -24.02 -22.72
N TYR A 252 37.97 -23.32 -21.92
CA TYR A 252 38.39 -22.04 -21.40
C TYR A 252 39.08 -22.21 -20.04
N ARG A 253 39.18 -23.45 -19.56
CA ARG A 253 39.66 -23.79 -18.23
C ARG A 253 41.10 -23.33 -18.02
N ALA A 254 41.90 -23.48 -19.08
CA ALA A 254 43.31 -23.16 -18.95
C ALA A 254 43.44 -21.67 -18.70
N GLY A 255 42.70 -20.94 -19.55
CA GLY A 255 42.59 -19.50 -19.43
C GLY A 255 42.29 -19.04 -18.00
N VAL A 256 41.26 -19.61 -17.39
CA VAL A 256 40.73 -19.05 -16.17
C VAL A 256 41.72 -19.34 -15.05
N ILE A 257 42.29 -20.54 -15.05
CA ILE A 257 43.25 -20.92 -14.04
C ILE A 257 44.47 -20.02 -14.10
N ALA A 258 44.94 -19.72 -15.32
CA ALA A 258 46.02 -18.76 -15.53
C ALA A 258 45.66 -17.42 -14.89
N ALA A 259 44.47 -16.88 -15.24
CA ALA A 259 44.04 -15.61 -14.68
C ALA A 259 44.12 -15.65 -13.16
N LEU A 260 43.64 -16.75 -12.57
CA LEU A 260 43.44 -16.82 -11.14
C LEU A 260 44.76 -17.10 -10.43
N GLU A 261 45.67 -17.84 -11.11
CA GLU A 261 47.02 -18.06 -10.59
C GLU A 261 47.71 -16.73 -10.32
N SER A 262 47.41 -15.70 -11.13
CA SER A 262 47.87 -14.34 -10.91
C SER A 262 47.04 -13.66 -9.80
N SER A 263 45.72 -13.70 -9.93
CA SER A 263 44.87 -12.92 -9.07
C SER A 263 45.01 -13.30 -7.59
N ARG A 264 45.56 -14.47 -7.25
CA ARG A 264 45.58 -14.95 -5.88
C ARG A 264 46.60 -14.25 -4.99
N PHE A 265 47.44 -13.40 -5.60
CA PHE A 265 48.46 -12.66 -4.88
C PHE A 265 47.91 -11.32 -4.48
N ASP A 266 46.60 -11.15 -4.65
CA ASP A 266 45.96 -9.88 -4.41
C ASP A 266 46.27 -9.33 -3.02
N LYS A 267 46.52 -8.01 -2.98
CA LYS A 267 46.80 -7.21 -1.80
C LYS A 267 45.76 -7.41 -0.69
N VAL A 268 44.54 -7.85 -1.04
CA VAL A 268 43.36 -7.81 -0.17
C VAL A 268 42.88 -9.23 0.17
N LYS A 269 42.99 -9.68 1.45
CA LYS A 269 42.76 -11.07 1.85
C LYS A 269 41.42 -11.59 1.29
N PRO A 270 40.28 -10.89 1.46
CA PRO A 270 39.02 -11.35 0.88
C PRO A 270 39.04 -11.63 -0.63
N VAL A 271 39.87 -10.88 -1.38
CA VAL A 271 40.06 -11.22 -2.77
C VAL A 271 40.88 -12.50 -2.88
N ARG A 272 41.95 -12.64 -2.08
CA ARG A 272 42.75 -13.85 -2.14
C ARG A 272 41.87 -15.05 -1.81
N ASP A 273 41.16 -14.96 -0.69
CA ASP A 273 40.33 -16.05 -0.19
C ASP A 273 39.35 -16.45 -1.30
N SER A 274 38.71 -15.46 -1.95
CA SER A 274 37.76 -15.75 -3.02
C SER A 274 38.44 -16.41 -4.22
N VAL A 275 39.61 -15.88 -4.61
CA VAL A 275 40.29 -16.36 -5.80
C VAL A 275 40.72 -17.80 -5.59
N THR A 276 41.20 -18.09 -4.38
CA THR A 276 41.55 -19.43 -3.93
C THR A 276 40.40 -20.41 -4.14
N GLU A 277 39.18 -20.15 -3.62
CA GLU A 277 38.08 -21.11 -3.78
C GLU A 277 37.86 -21.39 -5.28
N ALA A 278 37.94 -20.34 -6.09
CA ALA A 278 37.58 -20.42 -7.49
C ALA A 278 38.58 -21.25 -8.30
N LEU A 279 39.85 -21.14 -7.88
CA LEU A 279 40.97 -21.79 -8.52
C LEU A 279 40.87 -23.28 -8.34
N GLN A 280 40.62 -23.70 -7.08
CA GLN A 280 40.38 -25.08 -6.72
C GLN A 280 39.23 -25.67 -7.53
N LEU A 281 38.17 -24.89 -7.71
CA LEU A 281 36.97 -25.36 -8.38
C LEU A 281 37.21 -25.49 -9.88
N TRP A 282 37.91 -24.54 -10.50
CA TRP A 282 38.22 -24.63 -11.92
C TRP A 282 39.25 -25.74 -12.16
N LYS A 283 40.10 -25.94 -11.15
CA LYS A 283 41.04 -27.07 -11.19
C LYS A 283 40.28 -28.38 -11.06
N ALA A 284 39.04 -28.38 -10.55
CA ALA A 284 38.30 -29.59 -10.17
C ALA A 284 37.48 -30.12 -11.34
N ILE A 285 37.31 -29.30 -12.38
CA ILE A 285 36.57 -29.73 -13.55
C ILE A 285 37.33 -30.92 -14.14
N TYR A 286 36.57 -31.95 -14.52
CA TYR A 286 37.01 -33.06 -15.36
C TYR A 286 36.00 -33.19 -16.52
N ASP A 287 34.78 -33.68 -16.20
CA ASP A 287 33.72 -34.04 -17.16
C ASP A 287 33.97 -33.39 -18.54
N HIS B 3 -4.97 47.25 -5.06
CA HIS B 3 -3.64 46.60 -5.19
C HIS B 3 -3.80 45.10 -4.92
N ALA B 5 -6.74 43.80 -3.72
CA ALA B 5 -8.12 43.52 -4.06
C ALA B 5 -8.31 43.26 -5.57
N SER B 6 -7.57 43.95 -6.45
CA SER B 6 -7.71 43.75 -7.88
C SER B 6 -6.93 42.49 -8.29
N ALA B 7 -5.88 42.16 -7.54
CA ALA B 7 -5.20 40.89 -7.69
C ALA B 7 -6.15 39.70 -7.52
N LEU B 8 -6.99 39.77 -6.48
CA LEU B 8 -7.96 38.70 -6.18
C LEU B 8 -8.97 38.58 -7.29
N ILE B 9 -9.38 39.69 -7.91
CA ILE B 9 -10.33 39.58 -8.99
C ILE B 9 -9.72 38.84 -10.18
N GLU B 10 -8.42 39.07 -10.38
CA GLU B 10 -7.71 38.44 -11.48
C GLU B 10 -7.41 37.00 -11.11
N LEU B 11 -7.19 36.71 -9.83
CA LEU B 11 -7.06 35.31 -9.44
C LEU B 11 -8.37 34.56 -9.69
N LYS B 12 -9.51 35.21 -9.36
CA LYS B 12 -10.77 34.51 -9.49
C LYS B 12 -10.88 34.13 -10.96
N ASN B 13 -10.56 35.10 -11.82
CA ASN B 13 -10.75 34.96 -13.24
C ASN B 13 -9.99 33.74 -13.75
N ARG B 14 -8.77 33.52 -13.21
CA ARG B 14 -7.87 32.47 -13.66
C ARG B 14 -8.39 31.12 -13.22
N ILE B 15 -8.85 31.06 -11.97
CA ILE B 15 -9.43 29.85 -11.42
C ILE B 15 -10.70 29.49 -12.20
N LEU B 16 -11.64 30.39 -12.32
CA LEU B 16 -12.90 30.06 -12.98
C LEU B 16 -12.64 29.46 -14.35
N ALA B 17 -11.50 29.87 -14.95
CA ALA B 17 -11.19 29.55 -16.32
C ALA B 17 -10.81 28.08 -16.44
N VAL B 18 -10.18 27.60 -15.35
CA VAL B 18 -9.75 26.22 -15.18
C VAL B 18 -10.90 25.31 -14.75
N LEU B 19 -11.71 25.74 -13.76
CA LEU B 19 -12.84 24.96 -13.26
C LEU B 19 -13.80 24.65 -14.41
N ASN B 20 -13.93 25.52 -15.42
CA ASN B 20 -14.74 25.12 -16.56
C ASN B 20 -14.15 23.95 -17.34
N LYS B 21 -12.83 23.78 -17.33
CA LYS B 21 -12.21 22.67 -18.05
C LYS B 21 -12.52 21.28 -17.42
N LEU B 22 -13.07 21.23 -16.18
CA LEU B 22 -13.54 20.00 -15.53
C LEU B 22 -14.75 19.36 -16.22
N SER B 23 -15.55 20.18 -16.92
CA SER B 23 -16.77 19.74 -17.57
C SER B 23 -16.47 18.85 -18.77
N ASP B 24 -15.51 19.24 -19.63
CA ASP B 24 -15.10 18.42 -20.77
C ASP B 24 -14.11 17.38 -20.27
N ARG B 25 -14.17 16.15 -20.82
CA ARG B 25 -13.43 15.00 -20.33
C ARG B 25 -11.99 15.01 -20.82
N ASP B 26 -11.76 15.62 -21.99
CA ASP B 26 -10.43 15.68 -22.58
C ASP B 26 -9.56 16.71 -21.84
N THR B 27 -10.19 17.65 -21.14
CA THR B 27 -9.47 18.69 -20.42
C THR B 27 -9.52 18.52 -18.90
N GLN B 28 -10.16 17.42 -18.45
CA GLN B 28 -10.50 17.22 -17.06
C GLN B 28 -9.25 17.05 -16.21
N GLN B 29 -8.33 16.20 -16.65
CA GLN B 29 -7.11 16.03 -15.89
C GLN B 29 -6.14 17.18 -16.06
N LEU B 30 -6.07 17.79 -17.27
CA LEU B 30 -5.31 19.02 -17.38
C LEU B 30 -5.75 19.96 -16.26
N ALA B 31 -7.07 20.01 -16.05
CA ALA B 31 -7.70 21.01 -15.21
C ALA B 31 -7.37 20.78 -13.74
N VAL B 32 -7.37 19.50 -13.30
CA VAL B 32 -7.04 19.24 -11.92
C VAL B 32 -5.57 19.57 -11.71
N GLU B 33 -4.72 19.15 -12.65
CA GLU B 33 -3.29 19.40 -12.51
C GLU B 33 -3.08 20.91 -12.35
N GLU B 34 -3.79 21.69 -13.19
CA GLU B 34 -3.65 23.14 -13.18
C GLU B 34 -4.06 23.68 -11.81
N LEU B 35 -5.13 23.11 -11.28
CA LEU B 35 -5.76 23.63 -10.09
C LEU B 35 -4.90 23.34 -8.87
N GLU B 36 -4.28 22.13 -8.84
CA GLU B 36 -3.32 21.75 -7.81
C GLU B 36 -2.09 22.67 -7.86
N ARG B 37 -1.65 23.04 -9.08
CA ARG B 37 -0.54 23.96 -9.23
C ARG B 37 -0.94 25.31 -8.67
N ILE B 38 -2.16 25.77 -9.00
CA ILE B 38 -2.61 27.06 -8.53
C ILE B 38 -2.65 27.08 -7.00
N ALA B 39 -2.94 25.93 -6.41
CA ALA B 39 -3.14 25.84 -4.96
C ALA B 39 -1.81 25.80 -4.21
N GLN B 40 -0.72 25.44 -4.92
CA GLN B 40 0.57 25.30 -4.27
C GLN B 40 1.15 26.67 -3.91
N SER B 41 0.98 27.66 -4.78
CA SER B 41 1.47 29.00 -4.50
C SER B 41 0.27 29.88 -4.26
N LEU B 42 0.03 30.27 -3.03
CA LEU B 42 -1.22 30.96 -2.76
C LEU B 42 -1.10 31.68 -1.43
N SER B 43 -1.56 32.92 -1.40
CA SER B 43 -1.53 33.69 -0.18
C SER B 43 -2.63 33.19 0.73
N PRO B 44 -2.60 33.54 2.03
CA PRO B 44 -3.81 33.50 2.85
C PRO B 44 -5.09 33.90 2.11
N GLU B 45 -5.04 35.03 1.40
CA GLU B 45 -6.23 35.60 0.80
C GLU B 45 -6.62 34.76 -0.42
N GLY B 46 -5.60 34.26 -1.13
CA GLY B 46 -5.79 33.39 -2.27
C GLY B 46 -6.47 32.08 -1.89
N ILE B 47 -6.05 31.51 -0.75
CA ILE B 47 -6.69 30.34 -0.15
C ILE B 47 -8.18 30.62 -0.02
N ALA B 48 -8.51 31.65 0.80
CA ALA B 48 -9.91 31.97 1.05
C ALA B 48 -10.68 32.10 -0.27
N LEU B 49 -10.06 32.70 -1.28
CA LEU B 49 -10.75 32.94 -2.54
C LEU B 49 -11.02 31.62 -3.22
N PHE B 50 -9.96 30.81 -3.31
CA PHE B 50 -9.93 29.49 -3.93
C PHE B 50 -11.04 28.63 -3.30
N LEU B 51 -11.16 28.65 -1.97
CA LEU B 51 -12.16 27.84 -1.30
C LEU B 51 -13.55 28.31 -1.72
N THR B 52 -13.83 29.59 -1.50
CA THR B 52 -15.02 30.21 -2.08
C THR B 52 -15.35 29.57 -3.42
N CYS B 53 -14.41 29.55 -4.36
CA CYS B 53 -14.77 29.15 -5.70
C CYS B 53 -15.19 27.69 -5.72
N LEU B 54 -14.57 26.88 -4.84
CA LEU B 54 -14.87 25.46 -4.69
C LEU B 54 -16.28 25.27 -4.13
N TYR B 55 -16.61 25.96 -3.00
CA TYR B 55 -17.93 25.97 -2.40
C TYR B 55 -19.06 26.33 -3.41
N ASP B 56 -18.92 27.35 -4.30
CA ASP B 56 -19.95 27.67 -5.31
C ASP B 56 -20.11 26.53 -6.32
N THR B 57 -19.01 26.18 -7.00
CA THR B 57 -19.03 25.23 -8.11
C THR B 57 -19.47 23.88 -7.53
N ASP B 58 -19.24 23.67 -6.22
CA ASP B 58 -19.79 22.52 -5.51
C ASP B 58 -21.27 22.36 -5.92
N SER B 59 -22.05 23.44 -6.13
CA SER B 59 -23.51 23.35 -6.02
C SER B 59 -24.23 22.75 -7.25
N GLN B 60 -24.34 21.40 -7.25
CA GLN B 60 -25.40 20.53 -7.81
C GLN B 60 -25.68 20.72 -9.31
N GLN B 61 -24.62 20.79 -10.15
CA GLN B 61 -24.86 20.98 -11.57
C GLN B 61 -24.13 19.95 -12.44
N LYS B 62 -22.91 19.47 -12.10
CA LYS B 62 -22.42 18.24 -12.76
C LYS B 62 -21.49 17.45 -11.84
N SER B 63 -21.41 16.13 -12.07
CA SER B 63 -20.96 15.17 -11.07
C SER B 63 -19.43 15.11 -10.95
N VAL B 64 -18.75 14.94 -12.08
CA VAL B 64 -17.28 14.94 -12.09
C VAL B 64 -16.76 16.28 -11.58
N VAL B 65 -17.52 17.36 -11.78
CA VAL B 65 -17.12 18.70 -11.36
C VAL B 65 -17.10 18.80 -9.83
N ARG B 66 -18.19 18.35 -9.19
CA ARG B 66 -18.29 18.56 -7.75
C ARG B 66 -17.50 17.46 -7.06
N ARG B 67 -17.34 16.31 -7.72
CA ARG B 67 -16.40 15.28 -7.29
C ARG B 67 -15.01 15.91 -7.12
N GLU B 68 -14.54 16.67 -8.13
CA GLU B 68 -13.20 17.23 -8.14
C GLU B 68 -13.06 18.45 -7.23
N CYS B 69 -14.12 19.22 -7.06
CA CYS B 69 -14.04 20.34 -6.15
C CYS B 69 -13.98 19.83 -4.71
N ILE B 70 -14.61 18.69 -4.46
CA ILE B 70 -14.52 18.16 -3.11
C ILE B 70 -13.09 17.68 -2.87
N ARG B 71 -12.52 16.93 -3.84
CA ARG B 71 -11.13 16.50 -3.71
C ARG B 71 -10.23 17.70 -3.40
N LEU B 72 -10.42 18.86 -4.08
CA LEU B 72 -9.48 19.97 -3.98
C LEU B 72 -9.55 20.69 -2.64
N VAL B 73 -10.69 20.59 -1.95
CA VAL B 73 -10.78 21.10 -0.60
C VAL B 73 -9.82 20.27 0.25
N GLY B 74 -9.77 18.98 -0.08
CA GLY B 74 -8.84 18.09 0.58
C GLY B 74 -7.40 18.39 0.16
N THR B 75 -7.17 18.53 -1.15
CA THR B 75 -5.85 18.80 -1.68
C THR B 75 -5.25 20.05 -1.02
N LEU B 76 -6.10 21.07 -0.79
CA LEU B 76 -5.67 22.29 -0.17
C LEU B 76 -5.12 22.01 1.22
N ALA B 77 -5.90 21.23 1.98
CA ALA B 77 -5.56 20.90 3.36
C ALA B 77 -4.19 20.23 3.42
N SER B 78 -3.91 19.35 2.46
CA SER B 78 -2.69 18.57 2.56
C SER B 78 -1.48 19.40 2.10
N ILE B 79 -1.71 20.49 1.36
CA ILE B 79 -0.63 21.37 0.94
C ILE B 79 -0.32 22.37 2.05
N HIS B 80 -1.33 22.94 2.72
CA HIS B 80 -1.17 23.80 3.89
C HIS B 80 -1.76 23.10 5.13
N GLY B 81 -1.41 23.53 6.34
CA GLY B 81 -1.72 22.64 7.45
C GLY B 81 -2.64 23.38 8.37
N ASP B 82 -2.13 23.71 9.55
CA ASP B 82 -2.71 24.73 10.41
C ASP B 82 -2.98 26.03 9.63
N LEU B 83 -2.16 26.33 8.59
CA LEU B 83 -2.20 27.63 7.91
C LEU B 83 -3.59 27.85 7.31
N LEU B 84 -4.47 26.85 7.42
CA LEU B 84 -5.71 26.75 6.69
C LEU B 84 -6.84 26.47 7.68
N ALA B 85 -6.57 26.70 8.96
CA ALA B 85 -7.29 26.02 10.04
C ALA B 85 -8.56 26.76 10.38
N SER B 86 -8.53 28.08 10.33
CA SER B 86 -9.72 28.84 10.68
C SER B 86 -10.79 28.65 9.62
N HIS B 87 -10.47 28.10 8.43
CA HIS B 87 -11.49 27.84 7.42
C HIS B 87 -12.14 26.48 7.62
N LEU B 88 -11.54 25.66 8.49
CA LEU B 88 -11.97 24.29 8.69
C LEU B 88 -13.49 24.16 8.78
N PRO B 89 -14.21 24.87 9.67
CA PRO B 89 -15.68 24.81 9.70
C PRO B 89 -16.40 24.99 8.36
N LYS B 90 -16.01 26.01 7.57
CA LYS B 90 -16.72 26.21 6.30
C LYS B 90 -16.41 24.99 5.42
N VAL B 92 -15.59 21.76 6.29
CA VAL B 92 -16.36 20.63 6.78
C VAL B 92 -17.85 20.77 6.42
N ALA B 93 -18.45 21.90 6.79
CA ALA B 93 -19.79 22.24 6.38
C ALA B 93 -20.04 22.04 4.88
N ASN B 94 -19.09 22.38 4.01
CA ASN B 94 -19.34 22.26 2.57
C ASN B 94 -19.14 20.85 2.05
N ILE B 95 -18.41 20.00 2.79
CA ILE B 95 -18.30 18.60 2.38
C ILE B 95 -19.53 17.85 2.88
N VAL B 96 -19.99 18.17 4.10
CA VAL B 96 -21.15 17.49 4.67
C VAL B 96 -22.36 17.77 3.79
N LYS B 97 -22.55 19.03 3.34
CA LYS B 97 -23.56 19.45 2.37
C LYS B 97 -23.67 18.46 1.21
N ARG B 98 -22.56 17.91 0.72
CA ARG B 98 -22.61 17.01 -0.42
C ARG B 98 -22.89 15.58 -0.01
N LEU B 99 -23.00 15.29 1.30
CA LEU B 99 -23.26 13.93 1.73
C LEU B 99 -24.61 13.47 1.23
N LYS B 100 -25.47 14.47 0.93
CA LYS B 100 -26.87 14.30 0.54
C LYS B 100 -26.98 13.76 -0.88
N ASP B 101 -25.96 13.95 -1.73
CA ASP B 101 -26.09 13.54 -3.13
C ASP B 101 -26.13 12.04 -3.14
N PRO B 102 -27.07 11.37 -3.82
CA PRO B 102 -27.10 9.92 -3.79
C PRO B 102 -26.15 9.34 -4.83
N ASP B 103 -24.95 9.91 -4.98
CA ASP B 103 -23.94 9.43 -5.92
C ASP B 103 -22.69 9.02 -5.13
N SER B 104 -22.30 7.74 -5.18
CA SER B 104 -21.24 7.19 -4.33
C SER B 104 -19.85 7.65 -4.78
N ASN B 105 -19.75 8.21 -5.98
CA ASN B 105 -18.53 8.91 -6.35
C ASN B 105 -18.41 10.17 -5.47
N ILE B 106 -19.50 10.91 -5.30
CA ILE B 106 -19.39 12.10 -4.46
C ILE B 106 -19.13 11.68 -3.02
N ARG B 107 -19.82 10.62 -2.58
CA ARG B 107 -19.71 10.13 -1.22
C ARG B 107 -18.25 9.77 -0.93
N ASP B 108 -17.61 9.09 -1.91
CA ASP B 108 -16.23 8.63 -1.75
C ASP B 108 -15.28 9.82 -1.61
N ALA B 109 -15.42 10.76 -2.56
CA ALA B 109 -14.74 12.04 -2.45
C ALA B 109 -14.95 12.67 -1.08
N CYS B 110 -16.17 12.64 -0.50
CA CYS B 110 -16.44 13.38 0.73
C CYS B 110 -15.70 12.71 1.88
N VAL B 111 -15.80 11.38 1.93
CA VAL B 111 -15.09 10.62 2.95
C VAL B 111 -13.58 10.89 2.83
N GLU B 112 -13.04 10.82 1.60
CA GLU B 112 -11.59 10.89 1.39
C GLU B 112 -11.04 12.24 1.88
N SER B 113 -11.67 13.32 1.39
CA SER B 113 -11.38 14.67 1.82
C SER B 113 -11.43 14.84 3.34
N GLY B 115 -10.86 12.60 5.59
CA GLY B 115 -9.66 11.97 6.10
C GLY B 115 -8.50 12.95 6.03
N VAL B 116 -8.34 13.49 4.82
CA VAL B 116 -7.23 14.39 4.54
C VAL B 116 -7.30 15.59 5.48
N LEU B 117 -8.48 16.21 5.60
CA LEU B 117 -8.63 17.32 6.53
C LEU B 117 -8.15 16.90 7.91
N ALA B 118 -8.65 15.77 8.40
CA ALA B 118 -8.42 15.39 9.78
C ALA B 118 -6.94 15.10 10.01
N SER B 119 -6.26 14.50 9.02
CA SER B 119 -4.85 14.20 9.21
C SER B 119 -3.98 15.43 9.00
N SER B 120 -4.40 16.36 8.13
CA SER B 120 -3.54 17.45 7.67
C SER B 120 -3.65 18.69 8.55
N ILE B 121 -4.82 18.94 9.12
CA ILE B 121 -5.03 20.11 9.95
C ILE B 121 -5.02 19.72 11.43
N GLY B 122 -6.01 18.89 11.86
CA GLY B 122 -6.02 18.25 13.19
C GLY B 122 -7.11 18.76 14.13
N SER B 126 -5.79 20.18 18.63
CA SER B 126 -6.08 19.69 20.00
C SER B 126 -7.15 20.52 20.71
N GLY B 127 -7.97 19.87 21.55
CA GLY B 127 -9.13 20.53 22.15
C GLY B 127 -10.32 20.41 21.22
N ALA B 128 -11.31 21.29 21.39
CA ALA B 128 -12.57 21.25 20.65
C ALA B 128 -12.42 21.86 19.23
N VAL B 129 -11.23 21.76 18.64
CA VAL B 129 -11.10 21.67 17.20
C VAL B 129 -11.64 20.31 16.73
N THR B 130 -11.51 19.25 17.55
CA THR B 130 -11.94 17.91 17.16
C THR B 130 -13.46 17.89 17.14
N THR B 131 -14.05 18.83 17.90
CA THR B 131 -15.49 19.02 17.93
C THR B 131 -16.00 19.55 16.57
N VAL B 132 -15.18 20.30 15.84
CA VAL B 132 -15.75 20.94 14.65
C VAL B 132 -15.65 20.00 13.46
N PHE B 133 -15.07 18.80 13.66
CA PHE B 133 -15.19 17.70 12.72
C PHE B 133 -16.40 16.84 13.02
N VAL B 134 -16.66 16.63 14.32
CA VAL B 134 -17.60 15.60 14.72
C VAL B 134 -19.05 16.16 14.81
N LYS B 135 -19.25 17.31 15.45
CA LYS B 135 -20.57 17.93 15.59
C LYS B 135 -21.32 17.94 14.26
N PRO B 136 -20.77 18.49 13.16
CA PRO B 136 -21.45 18.44 11.87
C PRO B 136 -21.91 17.05 11.46
N LEU B 137 -21.12 16.02 11.79
CA LEU B 137 -21.46 14.67 11.36
C LEU B 137 -22.61 14.13 12.18
N PHE B 138 -22.62 14.47 13.46
CA PHE B 138 -23.70 14.05 14.32
C PHE B 138 -25.00 14.74 13.89
N GLU B 139 -24.95 16.06 13.68
CA GLU B 139 -26.12 16.77 13.18
C GLU B 139 -26.61 16.12 11.90
N ALA B 140 -25.69 15.63 11.09
CA ALA B 140 -26.05 14.96 9.86
C ALA B 140 -26.71 13.63 10.17
N LEU B 141 -26.17 12.88 11.14
CA LEU B 141 -26.76 11.58 11.51
C LEU B 141 -28.13 11.76 12.17
N ALA B 142 -28.32 12.89 12.87
CA ALA B 142 -29.65 13.24 13.39
C ALA B 142 -30.64 13.50 12.24
N GLU B 143 -30.25 14.15 11.13
CA GLU B 143 -31.23 14.40 10.07
C GLU B 143 -31.78 13.04 9.60
N GLN B 144 -33.02 13.05 9.10
CA GLN B 144 -33.75 11.83 8.86
C GLN B 144 -33.59 11.42 7.39
N HIS B 145 -32.37 11.48 6.84
CA HIS B 145 -32.16 11.09 5.45
C HIS B 145 -31.18 9.90 5.41
N LYS B 146 -31.45 8.87 4.59
CA LYS B 146 -30.64 7.65 4.59
C LYS B 146 -29.28 7.92 3.94
N THR B 147 -29.33 8.47 2.73
CA THR B 147 -28.16 8.80 1.94
C THR B 147 -27.20 9.60 2.80
N LEU B 148 -27.76 10.58 3.51
CA LEU B 148 -26.94 11.46 4.33
C LEU B 148 -26.41 10.69 5.53
N GLN B 149 -27.25 9.91 6.25
CA GLN B 149 -26.76 9.34 7.51
C GLN B 149 -25.81 8.17 7.21
N THR B 150 -26.04 7.43 6.11
CA THR B 150 -25.07 6.45 5.66
C THR B 150 -23.69 7.07 5.46
N GLY B 151 -23.65 8.28 4.89
CA GLY B 151 -22.40 8.91 4.46
C GLY B 151 -21.70 9.58 5.63
N ALA B 152 -22.49 10.19 6.52
CA ALA B 152 -21.92 10.82 7.71
C ALA B 152 -21.32 9.75 8.61
N ALA B 153 -21.79 8.51 8.46
CA ALA B 153 -21.29 7.40 9.25
C ALA B 153 -19.92 6.98 8.76
N CYS B 155 -17.94 9.02 7.05
CA CYS B 155 -17.02 10.09 7.39
C CYS B 155 -16.59 9.98 8.85
N LEU B 156 -17.56 9.70 9.73
CA LEU B 156 -17.24 9.61 11.13
C LEU B 156 -16.08 8.64 11.38
N ALA B 157 -16.11 7.49 10.66
CA ALA B 157 -15.08 6.47 10.77
C ALA B 157 -13.74 7.00 10.23
N ARG B 158 -13.73 7.42 8.97
CA ARG B 158 -12.54 7.97 8.32
C ARG B 158 -11.91 9.08 9.16
N VAL B 159 -12.72 9.99 9.69
CA VAL B 159 -12.20 11.05 10.55
C VAL B 159 -11.48 10.50 11.78
N LEU B 160 -12.04 9.53 12.52
CA LEU B 160 -11.49 9.15 13.81
C LEU B 160 -10.18 8.37 13.65
N GLU B 161 -10.08 7.60 12.59
CA GLU B 161 -8.89 6.86 12.31
C GLU B 161 -7.85 7.77 11.68
N CYS B 162 -8.16 9.03 11.34
CA CYS B 162 -7.16 9.86 10.68
C CYS B 162 -6.75 11.05 11.55
N VAL B 163 -7.64 11.54 12.41
CA VAL B 163 -7.37 12.71 13.20
C VAL B 163 -5.97 12.65 13.80
N LYS B 164 -5.20 13.75 13.65
CA LYS B 164 -3.79 13.69 14.02
C LYS B 164 -3.67 13.95 15.52
N GLU B 165 -4.40 14.95 16.04
CA GLU B 165 -4.24 15.31 17.45
C GLU B 165 -5.63 15.35 18.09
N PRO B 166 -6.20 14.17 18.44
CA PRO B 166 -7.56 14.10 18.96
C PRO B 166 -7.64 14.49 20.43
N HIS B 167 -8.66 15.25 20.81
CA HIS B 167 -9.09 15.31 22.20
C HIS B 167 -9.89 14.04 22.46
N PRO B 168 -9.36 13.06 23.24
CA PRO B 168 -10.12 11.83 23.53
C PRO B 168 -11.35 12.07 24.40
N PRO B 169 -11.31 12.97 25.42
CA PRO B 169 -12.51 13.31 26.19
C PRO B 169 -13.69 13.63 25.28
N THR B 170 -13.49 14.50 24.29
CA THR B 170 -14.60 14.95 23.44
C THR B 170 -15.06 13.77 22.57
N LEU B 171 -14.09 12.96 22.10
CA LEU B 171 -14.33 11.75 21.32
C LEU B 171 -15.05 10.65 22.13
N GLN B 172 -14.78 10.60 23.43
CA GLN B 172 -15.35 9.53 24.24
C GLN B 172 -16.76 9.85 24.72
N ARG B 173 -17.21 11.11 24.57
CA ARG B 173 -18.57 11.47 24.93
C ARG B 173 -19.51 11.20 23.77
N LEU B 174 -18.98 10.52 22.73
CA LEU B 174 -19.70 10.16 21.50
C LEU B 174 -20.52 8.87 21.67
N CYS B 175 -19.99 7.90 22.43
CA CYS B 175 -20.59 6.58 22.50
C CYS B 175 -22.04 6.62 22.97
N PRO B 176 -22.43 7.41 24.02
CA PRO B 176 -23.83 7.65 24.32
C PRO B 176 -24.75 7.94 23.15
N ARG B 177 -24.31 8.75 22.17
CA ARG B 177 -25.18 9.13 21.06
C ARG B 177 -25.33 7.99 20.04
N ILE B 178 -24.25 7.21 19.87
CA ILE B 178 -24.22 6.03 19.01
C ILE B 178 -25.15 4.95 19.56
N LEU B 179 -25.11 4.74 20.88
CA LEU B 179 -25.99 3.78 21.53
C LEU B 179 -27.44 4.18 21.27
N LYS B 180 -27.77 5.45 21.53
CA LYS B 180 -29.10 5.97 21.23
C LYS B 180 -29.47 5.72 19.76
N LEU B 182 -28.44 3.36 17.79
CA LEU B 182 -28.52 1.92 17.60
C LEU B 182 -29.82 1.36 18.19
N ALA B 183 -30.17 1.85 19.40
CA ALA B 183 -31.46 1.60 20.03
C ALA B 183 -32.64 2.05 19.17
N SER B 184 -32.71 3.32 18.70
CA SER B 184 -33.84 3.76 17.89
C SER B 184 -34.13 2.78 16.76
N PRO B 185 -35.42 2.48 16.46
CA PRO B 185 -35.78 1.71 15.27
C PRO B 185 -36.35 2.56 14.14
N ASN B 186 -35.97 3.84 14.10
CA ASN B 186 -36.21 4.72 12.97
C ASN B 186 -34.90 5.26 12.44
N PHE B 187 -33.79 4.69 12.93
CA PHE B 187 -32.48 5.01 12.38
C PHE B 187 -32.30 4.19 11.10
N LEU B 188 -31.98 4.85 10.00
CA LEU B 188 -32.11 4.26 8.67
C LEU B 188 -30.78 3.70 8.15
N ALA B 189 -29.71 3.79 8.95
CA ALA B 189 -28.35 3.56 8.46
C ALA B 189 -27.55 2.67 9.41
N LYS B 190 -28.20 1.66 9.97
CA LYS B 190 -27.60 0.94 11.08
C LYS B 190 -26.40 0.18 10.56
N ALA B 191 -26.50 -0.29 9.30
CA ALA B 191 -25.44 -1.10 8.71
C ALA B 191 -24.16 -0.29 8.71
N SER B 192 -24.24 0.98 8.37
CA SER B 192 -23.06 1.79 8.20
C SER B 192 -22.54 2.23 9.56
N LEU B 193 -23.48 2.62 10.42
CA LEU B 193 -23.15 2.99 11.77
C LEU B 193 -22.44 1.84 12.49
N LEU B 194 -22.72 0.58 12.10
CA LEU B 194 -22.13 -0.57 12.76
C LEU B 194 -20.64 -0.66 12.40
N SER B 195 -20.34 -0.69 11.08
CA SER B 195 -19.03 -0.47 10.49
C SER B 195 -18.20 0.56 11.26
N ALA B 196 -18.74 1.76 11.48
CA ALA B 196 -18.08 2.85 12.18
C ALA B 196 -17.65 2.47 13.60
N VAL B 197 -18.48 1.67 14.27
CA VAL B 197 -18.22 1.17 15.62
C VAL B 197 -17.04 0.22 15.52
N GLY B 198 -17.02 -0.55 14.43
CA GLY B 198 -15.96 -1.49 14.11
C GLY B 198 -14.62 -0.79 14.02
N VAL B 199 -14.60 0.38 13.40
CA VAL B 199 -13.41 1.19 13.30
C VAL B 199 -13.11 1.83 14.66
N VAL B 201 -13.48 1.04 17.69
CA VAL B 201 -12.94 0.24 18.79
C VAL B 201 -11.50 -0.13 18.48
N GLN B 202 -11.13 -0.10 17.19
CA GLN B 202 -9.76 -0.24 16.72
C GLN B 202 -8.90 1.01 16.95
N VAL B 203 -9.49 2.14 17.31
CA VAL B 203 -8.73 3.39 17.36
C VAL B 203 -8.44 3.73 18.82
N PRO B 204 -7.18 3.63 19.27
CA PRO B 204 -6.85 3.88 20.68
C PRO B 204 -7.43 5.19 21.17
N GLY B 205 -8.00 5.18 22.38
CA GLY B 205 -8.44 6.39 23.07
C GLY B 205 -9.87 6.85 22.78
N VAL B 206 -10.57 6.20 21.84
CA VAL B 206 -11.87 6.66 21.38
C VAL B 206 -13.03 6.16 22.23
N VAL B 207 -13.02 4.89 22.64
CA VAL B 207 -14.15 4.30 23.39
C VAL B 207 -13.70 3.90 24.79
N SER B 208 -14.23 4.60 25.81
CA SER B 208 -13.85 4.31 27.18
C SER B 208 -14.16 2.84 27.39
N ALA B 209 -13.26 2.12 28.05
CA ALA B 209 -13.44 0.68 28.16
C ALA B 209 -14.67 0.34 29.00
N SER B 210 -15.09 1.22 29.94
CA SER B 210 -16.35 1.06 30.66
C SER B 210 -17.61 1.08 29.78
N GLN B 211 -17.60 1.68 28.58
CA GLN B 211 -18.74 1.62 27.70
C GLN B 211 -18.68 0.40 26.75
N LEU B 212 -17.59 -0.36 26.70
CA LEU B 212 -17.45 -1.46 25.73
C LEU B 212 -18.50 -2.55 25.96
N PRO B 213 -18.81 -2.97 27.20
CA PRO B 213 -19.79 -4.01 27.42
C PRO B 213 -21.15 -3.59 26.89
N VAL B 214 -21.57 -2.36 27.21
CA VAL B 214 -22.91 -1.93 26.80
C VAL B 214 -22.95 -1.82 25.26
N LEU B 215 -21.82 -1.50 24.65
CA LEU B 215 -21.71 -1.41 23.21
C LEU B 215 -21.73 -2.79 22.54
N LEU B 216 -21.17 -3.81 23.22
CA LEU B 216 -21.23 -5.19 22.78
C LEU B 216 -22.67 -5.70 22.75
N GLY B 217 -23.45 -5.30 23.76
CA GLY B 217 -24.87 -5.57 23.79
C GLY B 217 -25.55 -4.97 22.56
N ALA B 218 -25.28 -3.69 22.33
CA ALA B 218 -25.93 -2.93 21.27
C ALA B 218 -25.66 -3.61 19.94
N VAL B 219 -24.40 -3.99 19.74
CA VAL B 219 -23.98 -4.56 18.48
C VAL B 219 -24.59 -5.95 18.36
N GLN B 220 -24.53 -6.74 19.45
CA GLN B 220 -24.98 -8.13 19.45
C GLN B 220 -26.49 -8.21 19.22
N ASP B 221 -27.25 -7.21 19.72
CA ASP B 221 -28.69 -7.18 19.49
C ASP B 221 -29.01 -6.98 18.01
N GLU B 222 -28.13 -6.44 17.19
CA GLU B 222 -28.51 -6.19 15.80
C GLU B 222 -28.31 -7.47 15.00
N LEU B 223 -27.92 -8.56 15.66
CA LEU B 223 -27.93 -9.86 15.00
C LEU B 223 -29.38 -10.32 14.78
N GLY B 224 -30.32 -9.60 15.43
CA GLY B 224 -31.73 -9.92 15.33
C GLY B 224 -32.47 -9.01 14.35
N ASN B 225 -31.76 -8.18 13.60
CA ASN B 225 -32.40 -7.19 12.75
C ASN B 225 -32.90 -7.89 11.49
N SER B 226 -33.92 -7.31 10.85
CA SER B 226 -34.58 -7.98 9.74
C SER B 226 -33.97 -7.59 8.40
N GLU B 227 -33.26 -6.46 8.38
CA GLU B 227 -32.38 -6.18 7.27
C GLU B 227 -31.12 -7.06 7.42
N TRP B 228 -30.91 -7.98 6.47
CA TRP B 228 -29.79 -8.91 6.54
C TRP B 228 -28.44 -8.18 6.47
N ALA B 229 -28.39 -7.08 5.73
CA ALA B 229 -27.18 -6.27 5.69
C ALA B 229 -26.89 -5.66 7.07
N VAL B 230 -27.91 -5.46 7.92
CA VAL B 230 -27.55 -4.92 9.23
C VAL B 230 -27.09 -6.04 10.16
N ARG B 231 -27.52 -7.29 9.92
CA ARG B 231 -27.04 -8.46 10.65
C ARG B 231 -25.62 -8.77 10.24
N LYS B 232 -25.37 -8.89 8.93
CA LYS B 232 -23.99 -8.94 8.45
C LYS B 232 -23.13 -7.90 9.18
N ALA B 233 -23.41 -6.62 9.05
CA ALA B 233 -22.60 -5.61 9.71
C ALA B 233 -22.41 -5.88 11.21
N ALA B 234 -23.43 -6.42 11.86
CA ALA B 234 -23.34 -6.68 13.29
C ALA B 234 -22.28 -7.73 13.56
N ALA B 235 -22.29 -8.82 12.78
CA ALA B 235 -21.28 -9.85 12.95
C ALA B 235 -19.91 -9.22 12.79
N GLU B 236 -19.69 -8.56 11.65
CA GLU B 236 -18.44 -7.89 11.36
C GLU B 236 -17.97 -7.03 12.55
N ALA B 237 -18.84 -6.18 13.08
CA ALA B 237 -18.45 -5.32 14.18
C ALA B 237 -17.99 -6.15 15.38
N LEU B 238 -18.64 -7.30 15.58
CA LEU B 238 -18.27 -8.23 16.64
C LEU B 238 -16.85 -8.78 16.39
N SER B 239 -16.54 -9.27 15.16
CA SER B 239 -15.16 -9.60 14.83
C SER B 239 -14.20 -8.47 15.25
N CYS B 240 -14.49 -7.21 14.85
CA CYS B 240 -13.59 -6.12 15.18
C CYS B 240 -13.40 -5.99 16.69
N ALA B 242 -13.48 -8.29 18.79
CA ALA B 242 -12.69 -9.42 19.23
C ALA B 242 -11.22 -9.08 19.13
N SER B 243 -10.75 -8.81 17.90
CA SER B 243 -9.37 -8.50 17.60
C SER B 243 -8.89 -7.31 18.40
N ALA B 244 -9.78 -6.33 18.54
CA ALA B 244 -9.39 -5.04 19.08
C ALA B 244 -9.45 -5.04 20.60
N VAL B 245 -10.54 -5.50 21.22
CA VAL B 245 -10.74 -5.40 22.66
C VAL B 245 -11.09 -6.75 23.27
N GLY B 246 -10.88 -7.85 22.53
CA GLY B 246 -11.18 -9.20 22.98
C GLY B 246 -10.95 -9.42 24.47
N ASN B 247 -9.70 -9.21 24.91
CA ASN B 247 -9.30 -9.62 26.25
C ASN B 247 -9.93 -8.68 27.29
N SER B 248 -10.33 -7.47 26.89
CA SER B 248 -11.06 -6.58 27.79
C SER B 248 -12.47 -7.12 28.05
N LEU B 249 -12.90 -8.11 27.26
CA LEU B 249 -14.30 -8.51 27.24
C LEU B 249 -14.35 -10.01 27.44
N VAL B 250 -13.47 -10.53 28.28
CA VAL B 250 -13.26 -11.96 28.26
C VAL B 250 -14.42 -12.63 28.99
N SER B 251 -14.99 -11.95 30.00
CA SER B 251 -16.15 -12.48 30.72
C SER B 251 -17.46 -12.36 29.93
N TYR B 252 -17.48 -11.69 28.78
CA TYR B 252 -18.67 -11.66 27.95
C TYR B 252 -18.55 -12.67 26.82
N ARG B 253 -17.42 -13.34 26.74
CA ARG B 253 -17.04 -14.19 25.61
C ARG B 253 -18.06 -15.32 25.41
N ALA B 254 -18.48 -15.90 26.53
CA ALA B 254 -19.36 -17.04 26.46
C ALA B 254 -20.67 -16.62 25.81
N GLY B 255 -21.16 -15.48 26.32
CA GLY B 255 -22.35 -14.84 25.79
C GLY B 255 -22.29 -14.67 24.26
N VAL B 256 -21.16 -14.15 23.75
CA VAL B 256 -21.13 -13.73 22.36
C VAL B 256 -21.13 -14.99 21.49
N ILE B 257 -20.38 -16.00 21.94
CA ILE B 257 -20.26 -17.24 21.20
C ILE B 257 -21.63 -17.92 21.11
N ALA B 258 -22.38 -17.91 22.23
CA ALA B 258 -23.77 -18.37 22.24
C ALA B 258 -24.57 -17.63 21.18
N ALA B 259 -24.56 -16.29 21.21
CA ALA B 259 -25.33 -15.51 20.26
C ALA B 259 -24.98 -15.96 18.83
N LEU B 260 -23.68 -16.13 18.56
CA LEU B 260 -23.20 -16.36 17.22
C LEU B 260 -23.46 -17.81 16.78
N GLU B 261 -23.46 -18.72 17.75
CA GLU B 261 -23.76 -20.12 17.49
C GLU B 261 -25.16 -20.27 16.92
N SER B 262 -26.07 -19.39 17.32
CA SER B 262 -27.39 -19.30 16.72
C SER B 262 -27.32 -18.55 15.37
N SER B 263 -26.66 -17.40 15.35
CA SER B 263 -26.75 -16.55 14.18
C SER B 263 -26.18 -17.19 12.92
N ARG B 264 -25.36 -18.24 13.05
CA ARG B 264 -24.64 -18.80 11.92
C ARG B 264 -25.52 -19.66 11.01
N PHE B 265 -26.78 -19.87 11.42
CA PHE B 265 -27.73 -20.64 10.65
C PHE B 265 -28.54 -19.73 9.76
N ASP B 266 -28.11 -18.48 9.71
CA ASP B 266 -28.84 -17.47 8.98
C ASP B 266 -29.09 -17.86 7.53
N LYS B 267 -30.30 -17.59 7.06
CA LYS B 267 -30.74 -18.00 5.73
C LYS B 267 -29.95 -17.27 4.65
N VAL B 268 -29.12 -16.26 5.00
CA VAL B 268 -28.43 -15.39 4.05
C VAL B 268 -26.92 -15.60 4.14
N LYS B 269 -26.28 -16.20 3.09
CA LYS B 269 -24.89 -16.68 3.16
C LYS B 269 -23.96 -15.58 3.67
N PRO B 270 -23.96 -14.33 3.17
CA PRO B 270 -23.08 -13.30 3.72
C PRO B 270 -23.21 -13.08 5.24
N VAL B 271 -24.41 -13.25 5.79
CA VAL B 271 -24.56 -13.25 7.24
C VAL B 271 -23.89 -14.47 7.84
N ARG B 272 -24.10 -15.66 7.26
CA ARG B 272 -23.45 -16.84 7.80
C ARG B 272 -21.93 -16.65 7.78
N ASP B 273 -21.42 -16.31 6.58
CA ASP B 273 -19.99 -16.15 6.36
C ASP B 273 -19.44 -15.21 7.45
N SER B 274 -20.10 -14.05 7.68
CA SER B 274 -19.60 -13.07 8.63
C SER B 274 -19.67 -13.61 10.05
N VAL B 275 -20.76 -14.30 10.39
CA VAL B 275 -20.94 -14.77 11.74
C VAL B 275 -19.86 -15.80 12.06
N THR B 276 -19.59 -16.67 11.08
CA THR B 276 -18.51 -17.65 11.14
C THR B 276 -17.16 -17.01 11.49
N GLU B 277 -16.68 -15.98 10.77
CA GLU B 277 -15.40 -15.34 11.08
C GLU B 277 -15.37 -14.86 12.54
N ALA B 278 -16.48 -14.30 13.00
CA ALA B 278 -16.54 -13.64 14.29
C ALA B 278 -16.52 -14.66 15.43
N LEU B 279 -17.12 -15.82 15.14
CA LEU B 279 -17.24 -16.90 16.10
C LEU B 279 -15.85 -17.46 16.38
N GLN B 280 -15.11 -17.74 15.30
CA GLN B 280 -13.71 -18.16 15.38
C GLN B 280 -12.85 -17.18 16.17
N LEU B 281 -13.08 -15.88 15.97
CA LEU B 281 -12.29 -14.86 16.63
C LEU B 281 -12.61 -14.76 18.12
N TRP B 282 -13.89 -14.84 18.48
CA TRP B 282 -14.27 -14.84 19.88
C TRP B 282 -13.89 -16.16 20.57
N LYS B 283 -13.90 -17.25 19.78
CA LYS B 283 -13.40 -18.53 20.26
C LYS B 283 -11.90 -18.43 20.52
N ALA B 284 -11.17 -17.47 19.91
CA ALA B 284 -9.71 -17.44 19.97
C ALA B 284 -9.21 -16.63 21.17
N ILE B 285 -10.09 -15.85 21.79
CA ILE B 285 -9.71 -15.12 22.99
C ILE B 285 -9.44 -16.16 24.07
N TYR B 286 -8.45 -15.97 24.96
CA TYR B 286 -8.02 -17.05 25.86
C TYR B 286 -8.45 -16.76 27.31
#